data_5CAY
#
_entry.id   5CAY
#
_cell.length_a   94.276
_cell.length_b   100.223
_cell.length_c   199.139
_cell.angle_alpha   90.00
_cell.angle_beta   90.00
_cell.angle_gamma   90.00
#
_symmetry.space_group_name_H-M   'C 2 2 21'
#
loop_
_entity.id
_entity.type
_entity.pdbx_description
1 polymer 'Envelope glycoprotein gp120 core from ST strain of HIV-2'
2 polymer 'T-cell surface glycoprotein CD4'
3 branched 2-acetamido-2-deoxy-beta-D-glucopyranose-(1-4)-2-acetamido-2-deoxy-beta-D-glucopyranose
4 branched beta-D-mannopyranose-(1-4)-2-acetamido-2-deoxy-beta-D-glucopyranose-(1-4)-2-acetamido-2-deoxy-beta-D-glucopyranose
5 non-polymer 2-acetamido-2-deoxy-beta-D-glucopyranose
#
loop_
_entity_poly.entity_id
_entity_poly.type
_entity_poly.pdbx_seq_one_letter_code
_entity_poly.pdbx_strand_id
1 'polypeptide(L)'
;VWRNASIPLFCATKNRDTWGTIQCLPDNDDYQEIALNVIEAFDAWNNTVTEQAVEDVWSLFETSIKPCVKLTNTSVITES
CDKHYWDTMRFRYCAPPGFALLRCNDTNYSGFEPNCSKVVAATCTRMMETQTSTWFGFNGTRAENRTYIYWHGRDNRTII
SLNKFYNLTVHCKRPGNRRPRQAWCWFKGEWKEAMKEVKLTLAKHPRYKGTNDTEKIRFIAPGERSDPEVAYMWTNCRGE
FLYCNMTWFLNWVENRTNQTQHNYVPCHIKQIINTWHKVGKNVYLPPREGQLTCNSTVTSIIANIDGGENQTNITFSAEV
AELYRLELGDYKLIEVTPIHHHHHH
;
G
2 'polypeptide(L)'
;MKKVVLGKKGDTVELTCTASQKKSIQFHWKNSNQIKILGNQGSFLTKGPSKLNDRADSRRSLWDQGNFPLIIKNLKIEDS
DTYICEVEDQKEEVQLLVFGLTANSDTHLLQGQSLTLTLESPPGSSPSVQCRSPRGKNIQGGKTLSVSQLELQDSGTWTC
TVLQNQKKVEFKIDIVVLAFQKASHHHHHH
;
B
#
# COMPACT_ATOMS: atom_id res chain seq x y z
N PRO A 8 14.59 4.31 -22.86
CA PRO A 8 14.50 5.33 -21.81
C PRO A 8 13.92 6.66 -22.31
N LEU A 9 12.75 7.02 -21.78
CA LEU A 9 11.97 8.16 -22.27
C LEU A 9 12.59 9.48 -21.83
N PHE A 10 12.73 10.40 -22.78
CA PHE A 10 13.35 11.69 -22.52
C PHE A 10 12.36 12.53 -21.72
N CYS A 11 12.81 13.10 -20.61
CA CYS A 11 11.94 13.72 -19.62
C CYS A 11 12.09 15.24 -19.62
N ALA A 12 11.31 15.90 -20.47
CA ALA A 12 11.34 17.36 -20.60
C ALA A 12 10.67 18.04 -19.40
N THR A 13 11.23 19.18 -19.02
CA THR A 13 10.95 19.84 -17.74
C THR A 13 10.00 21.03 -17.91
N LYS A 14 9.75 21.74 -16.80
CA LYS A 14 9.01 23.03 -16.77
C LYS A 14 8.67 23.44 -15.33
N ASP A 27 5.32 22.57 -20.49
CA ASP A 27 6.46 22.94 -21.30
C ASP A 27 6.20 24.23 -22.08
N ASN A 28 5.01 24.32 -22.66
CA ASN A 28 4.00 23.24 -22.56
C ASN A 28 2.73 23.39 -23.45
N ASP A 29 2.14 22.23 -23.80
CA ASP A 29 0.79 22.08 -24.38
C ASP A 29 0.61 22.53 -25.86
N ASP A 30 1.67 22.36 -26.65
CA ASP A 30 1.60 22.47 -28.13
C ASP A 30 1.64 21.04 -28.75
N TYR A 31 1.33 20.03 -27.96
CA TYR A 31 1.58 18.64 -28.33
C TYR A 31 0.23 18.00 -28.57
N GLN A 32 -0.39 18.44 -29.65
CA GLN A 32 -1.67 17.91 -30.10
C GLN A 32 -1.50 16.45 -30.56
N GLU A 33 -2.62 15.77 -30.74
CA GLU A 33 -2.61 14.35 -31.09
C GLU A 33 -3.51 14.04 -32.28
N ILE A 34 -3.32 12.83 -32.82
CA ILE A 34 -3.99 12.41 -34.03
C ILE A 34 -4.55 11.00 -33.84
N ALA A 35 -5.74 10.74 -34.40
CA ALA A 35 -6.35 9.40 -34.36
C ALA A 35 -5.65 8.47 -35.34
N LEU A 36 -5.46 7.21 -34.92
CA LEU A 36 -4.77 6.18 -35.68
C LEU A 36 -5.71 5.01 -35.84
N ASN A 37 -5.79 4.47 -37.06
CA ASN A 37 -6.72 3.38 -37.35
C ASN A 37 -6.15 2.02 -36.92
N VAL A 38 -6.03 1.82 -35.61
CA VAL A 38 -5.42 0.63 -35.05
C VAL A 38 -6.12 0.16 -33.79
N ILE A 39 -5.84 -1.09 -33.41
CA ILE A 39 -6.28 -1.68 -32.15
C ILE A 39 -5.02 -2.01 -31.34
N GLU A 40 -4.99 -1.56 -30.08
CA GLU A 40 -3.83 -1.79 -29.19
C GLU A 40 -4.26 -2.17 -27.79
N ALA A 41 -3.35 -2.85 -27.08
CA ALA A 41 -3.57 -3.24 -25.69
C ALA A 41 -2.92 -2.19 -24.78
N PHE A 42 -3.71 -1.67 -23.84
CA PHE A 42 -3.26 -0.67 -22.88
C PHE A 42 -3.36 -1.22 -21.45
N ASP A 43 -2.46 -0.73 -20.59
CA ASP A 43 -2.35 -1.22 -19.22
C ASP A 43 -1.65 -0.13 -18.40
N ALA A 44 -2.31 0.37 -17.36
CA ALA A 44 -1.73 1.43 -16.52
C ALA A 44 -0.54 0.96 -15.70
N TRP A 45 -0.52 -0.32 -15.33
CA TRP A 45 0.51 -0.88 -14.45
C TRP A 45 1.70 -1.46 -15.21
N ASN A 46 1.46 -2.50 -15.99
CA ASN A 46 2.48 -3.06 -16.87
C ASN A 46 2.64 -2.10 -18.04
N ASN A 47 3.62 -1.20 -17.94
CA ASN A 47 3.70 -0.01 -18.80
C ASN A 47 4.99 0.73 -18.56
N THR A 48 5.87 0.77 -19.55
CA THR A 48 7.18 1.41 -19.37
C THR A 48 7.11 2.93 -19.23
N VAL A 49 6.01 3.57 -19.60
CA VAL A 49 5.86 5.00 -19.38
C VAL A 49 5.63 5.26 -17.89
N THR A 50 4.67 4.56 -17.30
CA THR A 50 4.36 4.73 -15.87
C THR A 50 5.46 4.14 -14.96
N GLU A 51 6.05 3.02 -15.39
CA GLU A 51 7.20 2.45 -14.67
C GLU A 51 8.38 3.41 -14.62
N GLN A 52 8.63 4.15 -15.69
CA GLN A 52 9.67 5.17 -15.63
C GLN A 52 9.23 6.42 -14.84
N ALA A 53 7.95 6.78 -14.93
CA ALA A 53 7.39 7.91 -14.16
C ALA A 53 7.62 7.74 -12.65
N VAL A 54 7.36 6.53 -12.16
CA VAL A 54 7.53 6.23 -10.75
C VAL A 54 8.98 6.42 -10.33
N GLU A 55 9.91 5.89 -11.13
CA GLU A 55 11.33 6.05 -10.82
C GLU A 55 11.74 7.52 -10.83
N ASP A 56 11.32 8.24 -11.87
CA ASP A 56 11.64 9.64 -11.99
C ASP A 56 11.03 10.47 -10.86
N VAL A 57 9.80 10.15 -10.44
CA VAL A 57 9.19 10.90 -9.33
C VAL A 57 9.94 10.64 -8.01
N TRP A 58 10.30 9.40 -7.77
CA TRP A 58 11.15 9.04 -6.65
C TRP A 58 12.46 9.82 -6.70
N SER A 59 13.07 9.95 -7.86
CA SER A 59 14.28 10.76 -7.96
C SER A 59 14.05 12.24 -7.63
N LEU A 60 12.92 12.76 -8.08
CA LEU A 60 12.51 14.14 -7.82
C LEU A 60 12.16 14.35 -6.37
N PHE A 61 11.60 13.33 -5.74
CA PHE A 61 11.27 13.38 -4.32
C PHE A 61 12.49 13.67 -3.44
N GLU A 62 13.63 13.06 -3.75
CA GLU A 62 14.83 13.23 -2.95
C GLU A 62 15.60 14.50 -3.27
N THR A 63 15.31 15.16 -4.40
CA THR A 63 15.92 16.48 -4.68
C THR A 63 15.02 17.67 -4.37
N SER A 64 13.69 17.52 -4.44
CA SER A 64 12.82 18.66 -4.16
C SER A 64 12.96 19.07 -2.69
N ILE A 65 12.54 18.20 -1.78
CA ILE A 65 12.82 18.37 -0.34
C ILE A 65 14.04 17.53 -0.02
N LYS A 66 15.14 18.22 0.32
CA LYS A 66 16.46 17.61 0.46
C LYS A 66 16.66 16.99 1.85
N PRO A 67 16.97 15.69 1.91
CA PRO A 67 17.18 15.04 3.20
C PRO A 67 18.59 15.24 3.72
N CYS A 68 18.71 15.36 5.04
CA CYS A 68 20.00 15.52 5.70
C CYS A 68 20.72 14.18 5.82
N VAL A 69 19.99 13.19 6.32
CA VAL A 69 20.51 11.83 6.41
C VAL A 69 19.50 10.86 5.82
N LYS A 70 20.00 9.76 5.30
CA LYS A 70 19.18 8.64 4.86
C LYS A 70 19.69 7.37 5.55
N LEU A 71 18.78 6.66 6.20
CA LEU A 71 19.09 5.42 6.89
C LEU A 71 18.56 4.30 6.03
N THR A 72 19.46 3.40 5.66
CA THR A 72 19.16 2.19 4.91
C THR A 72 19.61 1.12 5.90
N ASN A 73 19.15 -0.12 5.73
CA ASN A 73 19.53 -1.20 6.65
C ASN A 73 21.03 -1.19 6.95
N THR A 74 21.82 -1.36 5.91
CA THR A 74 23.30 -1.36 5.96
C THR A 74 24.01 -0.05 6.28
N SER A 75 23.52 1.08 5.79
CA SER A 75 24.32 2.32 5.87
C SER A 75 23.58 3.57 6.34
N VAL A 76 24.37 4.59 6.66
CA VAL A 76 23.88 5.91 7.04
C VAL A 76 24.50 6.90 6.06
N ILE A 77 23.68 7.44 5.17
CA ILE A 77 24.13 8.40 4.16
C ILE A 77 23.82 9.80 4.66
N THR A 78 24.84 10.62 4.81
CA THR A 78 24.65 12.02 5.18
C THR A 78 25.03 12.85 3.98
N GLU A 79 24.17 13.80 3.61
CA GLU A 79 24.44 14.72 2.52
C GLU A 79 24.02 16.15 2.88
N SER A 80 24.36 17.10 2.00
CA SER A 80 24.01 18.51 2.18
C SER A 80 22.51 18.74 2.06
N CYS A 81 21.89 19.20 3.15
CA CYS A 81 20.48 19.56 3.17
C CYS A 81 20.36 21.06 3.45
N ASP A 82 19.14 21.56 3.36
CA ASP A 82 18.80 22.96 3.65
C ASP A 82 17.26 23.05 3.65
N LYS A 83 16.68 24.22 3.37
CA LYS A 83 15.22 24.39 3.35
C LYS A 83 14.68 24.92 2.01
N HIS A 84 15.45 24.75 0.92
CA HIS A 84 14.92 24.98 -0.42
C HIS A 84 13.86 23.94 -0.68
N TYR A 85 12.89 24.30 -1.51
CA TYR A 85 11.81 23.40 -1.85
C TYR A 85 11.39 23.68 -3.29
N TRP A 86 11.77 22.79 -4.22
CA TRP A 86 11.33 22.88 -5.62
C TRP A 86 9.82 22.70 -5.70
N ASP A 87 9.11 23.77 -6.05
CA ASP A 87 7.67 23.72 -6.31
C ASP A 87 7.34 23.43 -7.79
N THR A 88 8.37 23.28 -8.62
CA THR A 88 8.22 22.85 -10.02
C THR A 88 7.85 21.37 -10.05
N MET A 89 6.55 21.12 -9.94
CA MET A 89 6.03 19.77 -9.76
C MET A 89 5.47 19.14 -11.04
N ARG A 90 5.72 19.74 -12.22
CA ARG A 90 5.14 19.21 -13.47
C ARG A 90 6.10 19.04 -14.63
N PHE A 91 5.96 17.90 -15.29
CA PHE A 91 6.90 17.37 -16.26
C PHE A 91 6.11 16.68 -17.39
N ARG A 92 6.82 16.28 -18.43
CA ARG A 92 6.23 15.79 -19.67
C ARG A 92 7.23 14.85 -20.34
N TYR A 93 6.78 13.67 -20.76
CA TYR A 93 7.65 12.72 -21.47
C TYR A 93 7.48 12.82 -22.99
N CYS A 94 8.56 12.56 -23.71
CA CYS A 94 8.56 12.47 -25.17
C CYS A 94 9.32 11.23 -25.58
N ALA A 95 8.92 10.62 -26.67
CA ALA A 95 9.46 9.32 -27.05
C ALA A 95 10.94 9.40 -27.42
N PRO A 96 11.73 8.39 -27.01
CA PRO A 96 13.12 8.31 -27.46
C PRO A 96 13.23 7.91 -28.93
N PRO A 97 14.44 8.00 -29.52
CA PRO A 97 14.60 7.73 -30.96
C PRO A 97 14.11 6.34 -31.37
N GLY A 98 13.37 6.28 -32.47
CA GLY A 98 12.79 5.02 -32.97
C GLY A 98 11.57 4.50 -32.24
N PHE A 99 10.97 5.33 -31.39
CA PHE A 99 9.75 4.97 -30.65
C PHE A 99 8.75 6.10 -30.75
N ALA A 100 7.52 5.81 -30.34
CA ALA A 100 6.45 6.81 -30.41
C ALA A 100 5.38 6.53 -29.37
N LEU A 101 4.69 7.59 -28.96
CA LEU A 101 3.66 7.48 -27.91
C LEU A 101 2.28 7.25 -28.53
N LEU A 102 1.61 6.20 -28.07
CA LEU A 102 0.20 5.99 -28.40
C LEU A 102 -0.56 6.25 -27.13
N ARG A 103 -1.86 6.49 -27.24
CA ARG A 103 -2.69 6.69 -26.07
C ARG A 103 -4.10 6.18 -26.29
N CYS A 104 -4.67 5.57 -25.27
CA CYS A 104 -6.06 5.13 -25.31
C CYS A 104 -6.96 6.34 -25.04
N ASN A 105 -7.53 6.89 -26.11
CA ASN A 105 -8.47 8.01 -26.04
C ASN A 105 -9.93 7.55 -25.85
N ASP A 106 -10.15 6.29 -25.47
CA ASP A 106 -11.49 5.80 -25.08
C ASP A 106 -11.82 6.29 -23.68
N THR A 107 -12.98 6.91 -23.52
CA THR A 107 -13.44 7.37 -22.20
C THR A 107 -13.81 6.23 -21.24
N ASN A 108 -14.09 5.05 -21.78
CA ASN A 108 -14.33 3.84 -20.99
C ASN A 108 -13.09 3.17 -20.42
N TYR A 109 -11.90 3.72 -20.68
CA TYR A 109 -10.65 3.19 -20.12
C TYR A 109 -10.69 3.22 -18.58
N SER A 110 -10.31 2.09 -17.99
CA SER A 110 -10.25 1.89 -16.55
C SER A 110 -8.92 1.21 -16.22
N GLY A 111 -7.84 1.78 -16.76
CA GLY A 111 -6.49 1.30 -16.50
C GLY A 111 -6.06 -0.02 -17.12
N PHE A 112 -6.92 -0.64 -17.92
CA PHE A 112 -6.65 -1.96 -18.50
C PHE A 112 -7.62 -2.27 -19.62
N GLU A 113 -7.09 -2.45 -20.83
CA GLU A 113 -7.92 -2.70 -22.00
C GLU A 113 -7.07 -3.35 -23.11
N PRO A 114 -7.32 -4.64 -23.44
CA PRO A 114 -6.54 -5.30 -24.49
C PRO A 114 -6.91 -4.89 -25.93
N ASN A 115 -8.13 -4.37 -26.10
CA ASN A 115 -8.62 -3.92 -27.39
C ASN A 115 -9.12 -2.46 -27.36
N CYS A 116 -8.21 -1.49 -27.15
CA CYS A 116 -8.59 -0.07 -27.32
C CYS A 116 -8.58 0.21 -28.81
N SER A 117 -9.73 0.58 -29.35
CA SER A 117 -9.90 0.93 -30.76
C SER A 117 -9.78 2.43 -31.00
N LYS A 118 -10.17 3.25 -30.01
CA LYS A 118 -9.91 4.70 -30.02
C LYS A 118 -8.47 5.02 -29.60
N VAL A 119 -7.52 4.68 -30.46
CA VAL A 119 -6.11 4.97 -30.22
C VAL A 119 -5.80 6.35 -30.80
N VAL A 120 -4.95 7.11 -30.12
CA VAL A 120 -4.37 8.33 -30.66
C VAL A 120 -2.85 8.31 -30.49
N ALA A 121 -2.19 9.24 -31.17
CA ALA A 121 -0.73 9.33 -31.15
C ALA A 121 -0.30 10.77 -30.90
N ALA A 122 0.77 10.96 -30.11
CA ALA A 122 1.32 12.28 -29.83
C ALA A 122 2.84 12.26 -29.80
N THR A 123 3.43 13.45 -29.95
CA THR A 123 4.87 13.60 -29.86
C THR A 123 5.36 13.52 -28.41
N CYS A 124 4.60 14.12 -27.49
CA CYS A 124 4.89 14.10 -26.06
C CYS A 124 3.62 13.87 -25.28
N THR A 125 3.77 13.54 -24.00
CA THR A 125 2.63 13.24 -23.14
C THR A 125 2.03 14.51 -22.60
N ARG A 126 0.91 14.37 -21.92
CA ARG A 126 0.34 15.44 -21.13
C ARG A 126 1.28 15.81 -19.98
N MET A 127 0.93 16.90 -19.28
CA MET A 127 1.57 17.28 -18.02
C MET A 127 1.34 16.20 -16.97
N MET A 128 2.40 15.85 -16.24
CA MET A 128 2.29 14.94 -15.10
C MET A 128 2.58 15.66 -13.77
N GLU A 129 1.71 15.45 -12.77
CA GLU A 129 1.94 15.96 -11.42
C GLU A 129 2.83 15.01 -10.63
N THR A 130 3.95 15.53 -10.13
CA THR A 130 4.95 14.72 -9.44
C THR A 130 4.80 14.65 -7.91
N GLN A 131 3.88 15.43 -7.32
CA GLN A 131 3.70 15.39 -5.86
C GLN A 131 3.44 13.99 -5.32
N THR A 132 3.86 13.78 -4.07
CA THR A 132 3.77 12.49 -3.41
C THR A 132 2.87 12.63 -2.18
N SER A 133 2.02 11.64 -1.98
CA SER A 133 1.07 11.65 -0.89
C SER A 133 0.43 10.28 -0.74
N THR A 134 -0.23 10.06 0.40
CA THR A 134 -1.00 8.86 0.66
C THR A 134 -2.47 9.22 0.81
N TRP A 135 -3.35 8.21 0.70
CA TRP A 135 -4.81 8.34 0.76
C TRP A 135 -5.37 9.10 -0.43
N PHE A 136 -5.09 10.40 -0.46
CA PHE A 136 -5.56 11.29 -1.51
C PHE A 136 -4.38 11.72 -2.38
N GLY A 137 -4.67 11.92 -3.67
CA GLY A 137 -3.77 12.59 -4.61
C GLY A 137 -4.22 14.03 -4.72
N PHE A 138 -3.25 14.94 -4.85
CA PHE A 138 -3.53 16.38 -4.88
C PHE A 138 -2.92 16.99 -6.14
N ASN A 139 -3.52 18.09 -6.60
CA ASN A 139 -3.05 18.84 -7.76
C ASN A 139 -2.80 17.96 -8.99
N GLY A 140 -3.61 16.92 -9.17
CA GLY A 140 -3.49 16.06 -10.33
C GLY A 140 -3.92 16.76 -11.61
N THR A 141 -3.33 16.32 -12.72
CA THR A 141 -3.96 16.42 -14.02
C THR A 141 -4.94 15.23 -14.03
N ARG A 142 -5.73 15.10 -15.09
CA ARG A 142 -6.72 14.00 -15.22
C ARG A 142 -8.03 14.19 -14.45
N ALA A 143 -8.18 15.31 -13.76
CA ALA A 143 -9.49 15.66 -13.18
C ALA A 143 -10.42 16.02 -14.33
N GLU A 144 -11.59 15.40 -14.37
CA GLU A 144 -12.57 15.69 -15.41
C GLU A 144 -13.92 15.88 -14.76
N ASN A 145 -14.95 16.12 -15.57
CA ASN A 145 -16.32 16.15 -15.06
C ASN A 145 -16.94 14.75 -15.01
N ARG A 146 -16.22 13.82 -14.38
CA ARG A 146 -16.69 12.48 -14.08
C ARG A 146 -15.75 11.83 -13.07
N THR A 147 -16.31 10.96 -12.22
CA THR A 147 -15.47 10.07 -11.42
C THR A 147 -15.28 8.82 -12.26
N TYR A 148 -14.03 8.46 -12.44
CA TYR A 148 -13.68 7.21 -13.08
C TYR A 148 -12.57 6.55 -12.28
N ILE A 149 -12.37 5.27 -12.58
CA ILE A 149 -11.61 4.38 -11.73
C ILE A 149 -10.64 3.56 -12.58
N TYR A 150 -9.35 3.75 -12.35
CA TYR A 150 -8.33 2.87 -12.91
C TYR A 150 -8.24 1.67 -11.98
N TRP A 151 -8.28 0.47 -12.58
CA TRP A 151 -8.37 -0.79 -11.86
C TRP A 151 -7.34 -1.75 -12.45
N HIS A 152 -6.55 -2.36 -11.57
CA HIS A 152 -5.43 -3.23 -11.97
C HIS A 152 -5.96 -4.44 -12.76
N GLY A 153 -5.17 -4.93 -13.71
CA GLY A 153 -5.55 -6.08 -14.55
C GLY A 153 -5.79 -7.35 -13.75
N ARG A 154 -4.74 -7.80 -13.07
CA ARG A 154 -4.83 -8.76 -11.97
C ARG A 154 -5.08 -7.91 -10.72
N ASP A 155 -5.49 -8.48 -9.58
CA ASP A 155 -5.55 -7.71 -8.28
C ASP A 155 -6.64 -6.60 -8.22
N ASN A 156 -7.00 -6.15 -7.01
CA ASN A 156 -7.95 -5.03 -6.82
C ASN A 156 -7.31 -3.74 -6.28
N ARG A 157 -6.10 -3.45 -6.77
CA ARG A 157 -5.48 -2.13 -6.60
C ARG A 157 -6.22 -1.18 -7.51
N THR A 158 -6.54 0.01 -7.00
CA THR A 158 -7.21 1.01 -7.80
C THR A 158 -6.81 2.43 -7.40
N ILE A 159 -6.82 3.31 -8.38
CA ILE A 159 -6.78 4.74 -8.15
C ILE A 159 -8.04 5.36 -8.78
N ILE A 160 -8.69 6.25 -8.01
CA ILE A 160 -10.00 6.78 -8.36
C ILE A 160 -9.87 8.27 -8.69
N SER A 161 -10.16 8.65 -9.94
CA SER A 161 -10.30 10.07 -10.30
C SER A 161 -11.60 10.59 -9.69
N LEU A 162 -11.56 11.83 -9.18
CA LEU A 162 -12.73 12.49 -8.60
C LEU A 162 -13.28 13.50 -9.57
N ASN A 163 -14.56 13.83 -9.41
CA ASN A 163 -15.25 14.70 -10.34
C ASN A 163 -15.07 16.16 -9.89
N LYS A 164 -14.47 16.98 -10.76
CA LYS A 164 -14.18 18.38 -10.43
C LYS A 164 -15.42 19.28 -10.39
N PHE A 165 -16.56 18.78 -10.85
CA PHE A 165 -17.87 19.39 -10.63
C PHE A 165 -18.05 19.79 -9.15
N TYR A 166 -17.73 18.86 -8.25
CA TYR A 166 -17.73 19.11 -6.82
C TYR A 166 -16.40 19.77 -6.55
N ASN A 167 -16.41 20.99 -6.05
CA ASN A 167 -15.21 21.82 -6.02
C ASN A 167 -14.31 21.43 -4.84
N LEU A 168 -13.67 20.25 -4.97
CA LEU A 168 -12.90 19.63 -3.90
C LEU A 168 -11.49 20.20 -3.78
N THR A 169 -11.18 20.80 -2.64
CA THR A 169 -9.81 21.18 -2.32
C THR A 169 -9.47 20.76 -0.90
N VAL A 170 -8.19 20.85 -0.59
CA VAL A 170 -7.69 20.74 0.77
C VAL A 170 -6.84 21.96 1.05
N HIS A 171 -6.98 22.48 2.26
CA HIS A 171 -6.34 23.71 2.64
C HIS A 171 -5.77 23.56 4.04
N CYS A 172 -4.43 23.54 4.12
CA CYS A 172 -3.71 23.23 5.36
C CYS A 172 -2.89 24.40 5.83
N LYS A 173 -2.87 24.62 7.14
CA LYS A 173 -1.96 25.59 7.75
C LYS A 173 -1.36 25.10 9.05
N ARG A 174 -0.13 25.55 9.31
CA ARG A 174 0.43 25.63 10.64
C ARG A 174 0.55 27.11 10.98
N PRO A 175 -0.15 27.56 12.04
CA PRO A 175 0.17 28.90 12.55
C PRO A 175 1.58 28.91 13.19
N GLY A 176 2.34 30.00 13.16
CA GLY A 176 1.89 31.36 12.85
C GLY A 176 2.37 32.33 13.93
N ARG A 178 2.62 29.71 16.50
CA ARG A 178 2.37 29.08 17.79
C ARG A 178 3.20 27.80 17.98
N ARG A 179 2.60 26.61 17.87
CA ARG A 179 3.31 25.34 18.13
C ARG A 179 3.96 24.83 16.85
N PRO A 180 5.27 24.55 16.89
CA PRO A 180 6.09 24.42 15.68
C PRO A 180 5.79 23.22 14.78
N ARG A 181 5.17 22.22 15.34
CA ARG A 181 4.89 21.02 14.63
C ARG A 181 3.43 20.59 14.70
N GLN A 182 2.50 21.51 14.57
CA GLN A 182 1.10 21.13 14.59
C GLN A 182 0.43 21.78 13.42
N ALA A 183 -0.57 21.12 12.85
CA ALA A 183 -1.22 21.70 11.71
C ALA A 183 -2.57 21.20 11.45
N TRP A 184 -3.40 22.01 10.80
CA TRP A 184 -4.74 21.56 10.42
C TRP A 184 -4.91 21.58 8.91
N CYS A 185 -5.86 20.81 8.43
CA CYS A 185 -6.20 20.79 7.04
C CYS A 185 -7.67 20.75 6.93
N TRP A 186 -8.23 21.71 6.22
CA TRP A 186 -9.67 21.80 5.94
C TRP A 186 -9.95 21.17 4.60
N PHE A 187 -10.97 20.31 4.55
CA PHE A 187 -11.50 19.75 3.29
C PHE A 187 -12.70 20.55 2.81
N LYS A 188 -12.43 21.58 2.01
CA LYS A 188 -13.48 22.39 1.38
C LYS A 188 -13.98 21.70 0.09
N GLY A 189 -15.24 21.98 -0.27
CA GLY A 189 -15.89 21.40 -1.45
C GLY A 189 -17.12 20.57 -1.13
N GLU A 190 -17.83 20.14 -2.17
CA GLU A 190 -19.03 19.29 -2.02
C GLU A 190 -18.62 17.83 -1.88
N TRP A 191 -17.97 17.52 -0.76
CA TRP A 191 -17.50 16.16 -0.46
C TRP A 191 -18.65 15.19 -0.23
N LYS A 192 -19.70 15.69 0.42
CA LYS A 192 -20.90 14.92 0.73
C LYS A 192 -21.38 14.13 -0.49
N GLU A 193 -21.49 14.81 -1.63
CA GLU A 193 -21.99 14.19 -2.84
C GLU A 193 -20.94 13.71 -3.84
N ALA A 194 -19.73 14.28 -3.78
CA ALA A 194 -18.59 13.70 -4.50
C ALA A 194 -18.27 12.30 -4.00
N MET A 195 -18.29 12.12 -2.68
CA MET A 195 -18.00 10.82 -2.07
C MET A 195 -19.08 9.78 -2.36
N LYS A 196 -20.35 10.18 -2.35
CA LYS A 196 -21.41 9.23 -2.75
C LYS A 196 -21.39 8.96 -4.26
N GLU A 197 -20.88 9.90 -5.05
CA GLU A 197 -20.68 9.64 -6.48
C GLU A 197 -19.64 8.53 -6.72
N VAL A 198 -18.49 8.61 -6.06
CA VAL A 198 -17.46 7.54 -6.20
C VAL A 198 -18.02 6.18 -5.72
N LYS A 199 -18.77 6.17 -4.62
CA LYS A 199 -19.44 4.93 -4.18
C LYS A 199 -20.38 4.40 -5.25
N LEU A 200 -21.17 5.29 -5.84
CA LEU A 200 -22.16 4.93 -6.87
C LEU A 200 -21.52 4.45 -8.19
N THR A 201 -20.45 5.09 -8.62
CA THR A 201 -19.77 4.68 -9.86
C THR A 201 -18.98 3.40 -9.70
N LEU A 202 -18.54 3.10 -8.48
CA LEU A 202 -17.98 1.78 -8.15
C LEU A 202 -19.05 0.70 -8.29
N ALA A 203 -20.26 1.04 -7.85
CA ALA A 203 -21.40 0.11 -7.85
C ALA A 203 -21.82 -0.33 -9.25
N LYS A 204 -21.64 0.54 -10.25
CA LYS A 204 -21.93 0.19 -11.65
C LYS A 204 -20.68 0.20 -12.52
N HIS A 205 -19.52 -0.13 -11.92
CA HIS A 205 -18.28 -0.30 -12.68
C HIS A 205 -18.23 -1.77 -13.13
N PRO A 206 -17.56 -2.06 -14.26
CA PRO A 206 -17.44 -3.45 -14.70
C PRO A 206 -16.90 -4.49 -13.69
N ARG A 207 -16.37 -4.06 -12.54
CA ARG A 207 -16.23 -4.91 -11.32
C ARG A 207 -16.95 -4.28 -10.12
N TYR A 208 -18.24 -4.62 -9.97
CA TYR A 208 -19.12 -4.02 -8.93
C TYR A 208 -18.50 -4.08 -7.53
N LYS A 209 -18.03 -5.25 -7.07
CA LYS A 209 -18.17 -6.56 -7.72
C LYS A 209 -19.26 -7.41 -7.04
N GLY A 210 -19.25 -7.45 -5.71
CA GLY A 210 -20.31 -8.12 -4.95
C GLY A 210 -21.40 -7.18 -4.46
N THR A 211 -21.50 -5.98 -5.01
CA THR A 211 -22.25 -4.96 -4.29
C THR A 211 -23.70 -4.50 -4.30
N ASN A 212 -24.23 -4.36 -3.08
CA ASN A 212 -25.58 -3.85 -2.78
C ASN A 212 -25.99 -2.52 -3.47
N ASP A 213 -25.03 -1.64 -3.75
CA ASP A 213 -25.25 -0.24 -4.19
C ASP A 213 -25.57 0.73 -3.01
N THR A 214 -24.55 1.47 -2.55
CA THR A 214 -24.68 2.55 -1.54
C THR A 214 -25.05 2.01 -0.13
N GLU A 215 -25.00 2.85 0.90
CA GLU A 215 -25.44 2.50 2.28
C GLU A 215 -24.57 1.44 2.98
N LYS A 216 -24.50 0.26 2.37
CA LYS A 216 -23.72 -0.88 2.86
C LYS A 216 -22.40 -1.03 2.02
N ILE A 217 -21.89 0.11 1.56
CA ILE A 217 -20.57 0.27 0.90
C ILE A 217 -19.90 1.43 1.66
N ARG A 218 -18.71 1.22 2.23
CA ARG A 218 -18.09 2.25 3.10
C ARG A 218 -16.58 2.47 2.93
N PHE A 219 -16.15 3.71 3.16
CA PHE A 219 -14.74 4.09 3.24
C PHE A 219 -14.18 3.64 4.59
N ILE A 220 -12.90 3.23 4.59
CA ILE A 220 -12.25 2.67 5.78
C ILE A 220 -10.76 3.05 5.81
N ALA A 221 -10.26 3.40 6.99
CA ALA A 221 -8.82 3.65 7.19
C ALA A 221 -8.05 2.32 7.33
N PRO A 222 -6.74 2.31 6.99
CA PRO A 222 -5.96 1.13 7.29
C PRO A 222 -5.64 1.12 8.78
N GLY A 223 -5.13 -0.01 9.28
CA GLY A 223 -4.85 -0.13 10.70
C GLY A 223 -3.87 0.91 11.19
N GLU A 224 -4.02 1.27 12.46
CA GLU A 224 -3.15 2.26 13.09
C GLU A 224 -1.74 1.70 13.29
N ARG A 225 -1.64 0.38 13.43
CA ARG A 225 -0.35 -0.30 13.60
C ARG A 225 0.46 -0.33 12.31
N SER A 226 -0.15 0.07 11.20
CA SER A 226 0.56 0.33 9.94
C SER A 226 1.59 1.45 10.13
N ASP A 227 2.47 1.62 9.16
CA ASP A 227 3.42 2.71 9.19
C ASP A 227 2.67 4.02 9.29
N PRO A 228 3.30 5.05 9.90
CA PRO A 228 2.73 6.40 9.99
C PRO A 228 2.09 6.91 8.68
N GLU A 229 2.81 6.69 7.57
CA GLU A 229 2.41 7.17 6.27
C GLU A 229 1.19 6.43 5.74
N VAL A 230 1.02 5.17 6.16
CA VAL A 230 -0.20 4.41 5.89
C VAL A 230 -1.33 4.83 6.83
N ALA A 231 -1.03 4.85 8.14
CA ALA A 231 -2.07 5.06 9.18
C ALA A 231 -2.62 6.48 9.17
N TYR A 232 -1.72 7.45 9.04
CA TYR A 232 -2.08 8.84 8.81
C TYR A 232 -2.07 9.15 7.33
N MET A 233 -2.69 10.26 6.96
CA MET A 233 -2.61 10.77 5.59
C MET A 233 -1.32 11.57 5.46
N TRP A 234 -0.42 11.07 4.63
CA TRP A 234 0.86 11.71 4.44
C TRP A 234 0.74 12.71 3.32
N THR A 235 1.29 13.89 3.53
CA THR A 235 1.50 14.87 2.48
C THR A 235 2.59 15.84 2.92
N ASN A 236 2.82 16.90 2.15
CA ASN A 236 3.67 17.99 2.61
C ASN A 236 3.17 19.35 2.18
N CYS A 237 3.60 20.37 2.94
CA CYS A 237 3.21 21.74 2.75
C CYS A 237 4.43 22.64 2.98
N ARG A 238 4.85 23.36 1.95
CA ARG A 238 6.01 24.26 2.04
C ARG A 238 7.22 23.52 2.55
N GLY A 239 7.49 22.37 1.94
CA GLY A 239 8.63 21.54 2.28
C GLY A 239 8.63 20.89 3.65
N GLU A 240 7.46 20.74 4.28
CA GLU A 240 7.32 20.15 5.61
C GLU A 240 6.35 18.97 5.54
N PHE A 241 6.75 17.80 6.04
CA PHE A 241 5.91 16.60 5.93
C PHE A 241 4.83 16.54 7.00
N LEU A 242 3.57 16.58 6.63
CA LEU A 242 2.51 16.56 7.60
C LEU A 242 1.97 15.23 7.64
N TYR A 243 1.43 14.80 8.77
CA TYR A 243 0.81 13.51 8.98
C TYR A 243 -0.48 13.84 9.68
N CYS A 244 -1.63 13.51 9.11
CA CYS A 244 -2.88 13.86 9.71
C CYS A 244 -3.65 12.70 10.10
N ASN A 245 -4.59 12.90 11.02
CA ASN A 245 -5.48 11.90 11.54
C ASN A 245 -6.76 12.09 10.90
N MET A 246 -7.16 11.12 10.14
CA MET A 246 -8.35 11.19 9.29
C MET A 246 -9.67 10.76 9.96
N THR A 247 -9.66 10.35 11.23
CA THR A 247 -10.88 9.80 11.85
C THR A 247 -12.07 10.77 11.85
N TRP A 248 -11.80 12.07 12.03
CA TRP A 248 -12.87 13.08 11.98
C TRP A 248 -13.42 13.27 10.58
N PHE A 249 -12.54 13.28 9.58
CA PHE A 249 -12.97 13.35 8.19
C PHE A 249 -13.72 12.09 7.75
N LEU A 250 -13.39 10.93 8.32
CA LEU A 250 -14.14 9.68 8.04
C LEU A 250 -15.48 9.60 8.78
N ASN A 251 -15.60 10.23 9.95
CA ASN A 251 -16.87 10.25 10.67
C ASN A 251 -17.88 11.10 9.92
N TRP A 252 -17.46 12.31 9.56
CA TRP A 252 -18.09 13.10 8.48
C TRP A 252 -17.94 12.27 7.20
N VAL A 253 -18.92 12.31 6.31
CA VAL A 253 -19.00 11.42 5.12
C VAL A 253 -19.21 9.90 5.38
N GLU A 254 -19.64 9.51 6.58
CA GLU A 254 -20.17 8.15 6.82
C GLU A 254 -21.34 8.20 7.81
N ASN A 255 -21.04 8.59 9.05
CA ASN A 255 -22.03 8.64 10.12
C ASN A 255 -22.81 9.95 10.04
N GLN A 261 -16.75 13.96 13.83
CA GLN A 261 -17.63 14.62 12.88
C GLN A 261 -17.12 16.02 12.57
N HIS A 262 -16.19 16.13 11.62
CA HIS A 262 -15.65 17.42 11.18
C HIS A 262 -15.07 17.36 9.77
N ASN A 263 -15.14 18.50 9.09
CA ASN A 263 -14.56 18.68 7.74
C ASN A 263 -13.12 19.25 7.79
N TYR A 264 -12.43 19.01 8.90
CA TYR A 264 -11.03 19.33 9.03
C TYR A 264 -10.35 18.26 9.90
N VAL A 265 -9.03 18.30 9.89
CA VAL A 265 -8.24 17.37 10.65
C VAL A 265 -6.93 17.89 11.19
N PRO A 266 -6.52 17.21 12.31
CA PRO A 266 -5.30 17.72 12.89
C PRO A 266 -4.21 16.93 12.39
N CYS A 267 -3.15 17.56 11.93
CA CYS A 267 -2.01 16.85 11.42
C CYS A 267 -0.78 17.31 12.16
N HIS A 268 0.18 16.42 12.34
CA HIS A 268 1.38 16.80 13.04
C HIS A 268 2.62 16.54 12.22
N ILE A 269 3.56 17.47 12.16
CA ILE A 269 4.80 17.42 11.39
C ILE A 269 5.90 16.52 11.87
N LYS A 270 6.65 15.92 10.97
CA LYS A 270 7.68 14.97 11.37
C LYS A 270 8.99 15.24 10.61
N GLN A 271 10.12 14.87 11.22
CA GLN A 271 11.43 14.91 10.57
C GLN A 271 11.95 13.56 10.14
N ILE A 272 11.64 12.51 10.89
CA ILE A 272 11.97 11.13 10.52
C ILE A 272 10.77 10.61 9.75
N ILE A 273 10.99 10.22 8.49
CA ILE A 273 9.91 9.66 7.66
C ILE A 273 10.40 8.43 6.91
N ASN A 274 9.48 7.53 6.63
CA ASN A 274 9.76 6.28 5.93
C ASN A 274 9.65 6.51 4.44
N THR A 275 10.60 5.99 3.69
CA THR A 275 10.62 6.21 2.26
C THR A 275 9.60 5.31 1.52
N TRP A 276 8.77 5.92 0.66
CA TRP A 276 7.67 5.22 -0.07
C TRP A 276 8.15 4.23 -1.10
N HIS A 277 9.17 4.60 -1.85
CA HIS A 277 9.64 3.78 -2.96
C HIS A 277 10.66 2.73 -2.53
N LYS A 278 11.63 3.13 -1.71
CA LYS A 278 12.69 2.23 -1.24
C LYS A 278 12.59 2.03 0.28
N VAL A 279 13.22 0.96 0.79
CA VAL A 279 13.17 0.63 2.21
C VAL A 279 14.23 1.44 2.96
N GLY A 280 13.76 2.39 3.76
CA GLY A 280 14.64 3.30 4.48
C GLY A 280 13.91 4.43 5.18
N LYS A 281 14.68 5.25 5.88
CA LYS A 281 14.17 6.42 6.56
C LYS A 281 15.01 7.61 6.17
N ASN A 282 14.34 8.75 6.00
CA ASN A 282 15.03 10.02 5.79
C ASN A 282 14.69 10.93 6.94
N VAL A 283 15.71 11.64 7.40
CA VAL A 283 15.60 12.63 8.44
C VAL A 283 15.75 13.96 7.75
N TYR A 284 14.84 14.89 8.06
CA TYR A 284 14.87 16.24 7.53
C TYR A 284 15.13 17.25 8.62
N LEU A 285 15.46 18.47 8.20
CA LEU A 285 15.63 19.59 9.14
C LEU A 285 14.31 19.90 9.84
N PRO A 286 14.38 20.59 11.00
CA PRO A 286 13.15 20.98 11.68
C PRO A 286 12.32 22.00 10.87
N PRO A 287 11.03 22.19 11.21
CA PRO A 287 10.16 23.04 10.37
C PRO A 287 10.55 24.52 10.22
N ARG A 288 9.90 25.18 9.26
CA ARG A 288 10.07 26.63 9.05
C ARG A 288 9.49 27.39 10.23
N GLU A 289 9.90 28.64 10.37
CA GLU A 289 9.47 29.46 11.51
C GLU A 289 8.13 30.16 11.32
N GLY A 290 7.74 30.44 10.07
CA GLY A 290 6.61 31.32 9.81
C GLY A 290 5.23 30.71 9.93
N GLN A 291 4.26 31.34 9.26
CA GLN A 291 2.93 30.76 9.04
C GLN A 291 2.97 30.00 7.72
N LEU A 292 2.81 28.69 7.79
CA LEU A 292 2.77 27.83 6.62
C LEU A 292 1.33 27.68 6.21
N THR A 293 1.09 27.62 4.90
CA THR A 293 -0.25 27.43 4.37
C THR A 293 -0.23 27.01 2.88
N CYS A 294 -1.00 25.99 2.56
CA CYS A 294 -1.08 25.46 1.19
C CYS A 294 -2.51 25.32 0.73
N ASN A 295 -2.70 25.53 -0.56
CA ASN A 295 -3.99 25.52 -1.22
C ASN A 295 -3.85 24.34 -2.20
N SER A 296 -4.61 23.26 -2.02
CA SER A 296 -4.47 22.08 -2.88
C SER A 296 -5.79 21.53 -3.41
N THR A 297 -5.81 21.15 -4.68
CA THR A 297 -7.00 20.58 -5.30
C THR A 297 -6.92 19.08 -5.13
N VAL A 298 -7.93 18.46 -4.51
CA VAL A 298 -7.94 17.00 -4.33
C VAL A 298 -8.51 16.36 -5.59
N THR A 299 -7.75 15.43 -6.17
CA THR A 299 -8.03 14.87 -7.48
C THR A 299 -8.13 13.35 -7.55
N SER A 300 -7.75 12.62 -6.50
CA SER A 300 -7.85 11.16 -6.55
C SER A 300 -7.82 10.50 -5.18
N ILE A 301 -8.46 9.34 -5.09
CA ILE A 301 -8.38 8.45 -3.95
C ILE A 301 -7.51 7.30 -4.38
N ILE A 302 -6.54 6.95 -3.55
CA ILE A 302 -5.76 5.72 -3.72
C ILE A 302 -6.48 4.76 -2.81
N ALA A 303 -6.85 3.59 -3.32
CA ALA A 303 -7.59 2.62 -2.53
C ALA A 303 -7.51 1.20 -3.08
N ASN A 304 -7.96 0.26 -2.25
CA ASN A 304 -8.10 -1.15 -2.61
C ASN A 304 -9.56 -1.51 -2.36
N ILE A 305 -10.17 -2.23 -3.30
CA ILE A 305 -11.59 -2.60 -3.19
C ILE A 305 -11.72 -4.07 -2.77
N ASP A 306 -12.25 -4.29 -1.57
CA ASP A 306 -12.59 -5.64 -1.10
C ASP A 306 -14.09 -5.86 -1.20
N GLY A 307 -14.55 -6.35 -2.35
CA GLY A 307 -15.97 -6.61 -2.64
C GLY A 307 -16.69 -7.67 -1.82
N GLY A 308 -17.82 -7.32 -1.22
CA GLY A 308 -18.55 -8.19 -0.28
C GLY A 308 -19.81 -8.76 -0.89
N GLU A 309 -19.88 -10.08 -0.98
CA GLU A 309 -21.03 -10.77 -1.58
C GLU A 309 -22.15 -10.89 -0.58
N GLN A 311 -21.10 -4.30 2.87
CA GLN A 311 -20.48 -5.58 2.59
C GLN A 311 -19.10 -5.30 2.03
N THR A 312 -19.04 -4.60 0.90
CA THR A 312 -17.74 -4.15 0.37
C THR A 312 -17.20 -2.94 1.14
N ASN A 313 -15.88 -2.88 1.24
CA ASN A 313 -15.15 -1.78 1.85
C ASN A 313 -14.13 -1.28 0.84
N ILE A 314 -13.94 0.04 0.80
CA ILE A 314 -12.86 0.66 0.05
C ILE A 314 -11.93 1.29 1.08
N THR A 315 -10.78 0.65 1.32
CA THR A 315 -9.79 1.14 2.28
C THR A 315 -8.74 2.01 1.57
N PHE A 316 -8.44 3.16 2.16
CA PHE A 316 -7.47 4.08 1.59
C PHE A 316 -6.07 3.46 1.59
N SER A 317 -5.25 3.87 0.63
CA SER A 317 -3.93 3.28 0.39
C SER A 317 -2.81 4.33 0.42
N ALA A 318 -1.59 3.85 0.58
CA ALA A 318 -0.37 4.64 0.56
C ALA A 318 0.56 4.10 -0.52
N GLU A 319 -0.03 3.61 -1.62
CA GLU A 319 0.71 2.98 -2.69
C GLU A 319 1.44 4.04 -3.56
N VAL A 320 0.93 5.27 -3.60
CA VAL A 320 1.68 6.47 -4.09
C VAL A 320 2.06 6.41 -5.57
N ALA A 321 2.84 5.41 -5.94
CA ALA A 321 3.20 5.19 -7.33
C ALA A 321 1.97 5.18 -8.22
N GLU A 322 0.83 4.73 -7.69
CA GLU A 322 -0.42 4.70 -8.44
C GLU A 322 -0.97 6.06 -8.85
N LEU A 323 -0.57 7.11 -8.14
CA LEU A 323 -0.81 8.48 -8.60
C LEU A 323 -0.34 8.65 -10.03
N TYR A 324 0.85 8.14 -10.35
CA TYR A 324 1.49 8.43 -11.63
C TYR A 324 0.89 7.54 -12.70
N ARG A 325 0.32 6.42 -12.26
CA ARG A 325 -0.42 5.51 -13.13
C ARG A 325 -1.77 6.06 -13.59
N LEU A 326 -2.37 6.95 -12.81
CA LEU A 326 -3.51 7.73 -13.27
C LEU A 326 -3.05 8.80 -14.25
N GLU A 327 -1.94 9.45 -13.95
CA GLU A 327 -1.46 10.56 -14.75
C GLU A 327 -1.04 10.12 -16.17
N LEU A 328 -0.51 8.92 -16.32
CA LEU A 328 -0.02 8.43 -17.63
C LEU A 328 -0.41 6.99 -18.00
N GLY A 329 -1.31 6.36 -17.26
CA GLY A 329 -1.65 4.94 -17.47
C GLY A 329 -2.32 4.60 -18.78
N ASP A 330 -2.92 5.61 -19.41
CA ASP A 330 -3.50 5.47 -20.76
C ASP A 330 -2.48 5.55 -21.90
N TYR A 331 -1.19 5.80 -21.61
CA TYR A 331 -0.14 5.77 -22.62
C TYR A 331 0.48 4.38 -22.83
N LYS A 332 1.25 4.30 -23.91
CA LYS A 332 1.94 3.09 -24.33
C LYS A 332 3.09 3.53 -25.24
N LEU A 333 4.31 3.09 -24.95
CA LEU A 333 5.44 3.37 -25.81
C LEU A 333 5.59 2.21 -26.78
N ILE A 334 5.40 2.47 -28.08
CA ILE A 334 5.57 1.44 -29.13
C ILE A 334 6.84 1.70 -29.93
N GLU A 335 7.42 0.63 -30.47
CA GLU A 335 8.60 0.71 -31.32
C GLU A 335 8.20 0.76 -32.78
N VAL A 336 8.95 1.56 -33.54
CA VAL A 336 8.79 1.64 -35.00
C VAL A 336 10.11 1.19 -35.60
N THR A 337 10.10 -0.01 -36.21
CA THR A 337 11.33 -0.70 -36.63
C THR A 337 11.65 -0.34 -38.07
N LYS B 3 1.20 -26.94 2.91
CA LYS B 3 2.35 -26.68 3.85
C LYS B 3 1.86 -26.51 5.28
N VAL B 4 2.57 -27.15 6.21
CA VAL B 4 2.37 -26.95 7.65
C VAL B 4 3.69 -26.61 8.31
N VAL B 5 3.63 -25.67 9.25
CA VAL B 5 4.74 -25.36 10.13
C VAL B 5 4.18 -25.44 11.55
N LEU B 6 4.99 -25.98 12.47
CA LEU B 6 4.61 -26.01 13.88
C LEU B 6 5.74 -25.49 14.77
N GLY B 7 5.37 -24.62 15.70
CA GLY B 7 6.32 -23.90 16.54
C GLY B 7 6.01 -24.04 18.00
N LYS B 8 6.97 -23.69 18.82
CA LYS B 8 6.84 -23.81 20.26
C LYS B 8 6.33 -22.47 20.78
N LYS B 9 5.41 -22.51 21.76
CA LYS B 9 4.85 -21.29 22.35
C LYS B 9 5.96 -20.39 22.91
N GLY B 10 5.89 -19.10 22.58
CA GLY B 10 6.91 -18.13 22.97
C GLY B 10 8.11 -18.02 22.03
N ASP B 11 8.15 -18.84 20.98
CA ASP B 11 9.19 -18.76 19.96
C ASP B 11 8.66 -17.92 18.81
N THR B 12 9.56 -17.56 17.89
CA THR B 12 9.20 -16.91 16.63
C THR B 12 9.20 -17.95 15.52
N VAL B 13 8.34 -17.73 14.53
CA VAL B 13 8.34 -18.51 13.28
C VAL B 13 8.26 -17.58 12.08
N GLU B 14 8.99 -17.93 11.03
CA GLU B 14 8.97 -17.19 9.79
C GLU B 14 8.17 -17.97 8.73
N LEU B 15 6.88 -17.65 8.61
CA LEU B 15 6.02 -18.20 7.56
C LEU B 15 6.46 -17.64 6.19
N THR B 16 6.96 -18.53 5.33
CA THR B 16 7.51 -18.13 4.04
C THR B 16 6.42 -17.93 2.97
N CYS B 17 6.64 -16.92 2.12
CA CYS B 17 5.83 -16.67 0.92
C CYS B 17 6.70 -15.98 -0.11
N THR B 18 6.64 -16.46 -1.34
CA THR B 18 7.59 -16.06 -2.36
C THR B 18 6.87 -15.92 -3.71
N ALA B 19 7.33 -15.00 -4.55
CA ALA B 19 6.63 -14.70 -5.80
C ALA B 19 7.58 -14.23 -6.90
N SER B 20 7.30 -14.64 -8.14
CA SER B 20 8.18 -14.42 -9.29
C SER B 20 7.57 -13.47 -10.32
N GLN B 21 7.47 -12.20 -9.93
CA GLN B 21 7.02 -11.13 -10.83
C GLN B 21 8.08 -10.04 -10.83
N LYS B 22 8.48 -9.60 -12.02
CA LYS B 22 9.43 -8.50 -12.19
C LYS B 22 8.78 -7.15 -11.83
N LYS B 23 7.50 -6.99 -12.18
CA LYS B 23 6.74 -5.77 -11.86
C LYS B 23 6.45 -5.67 -10.36
N SER B 24 6.26 -4.45 -9.88
CA SER B 24 6.13 -4.16 -8.44
C SER B 24 4.71 -4.39 -7.97
N ILE B 25 4.57 -5.18 -6.91
CA ILE B 25 3.31 -5.81 -6.53
C ILE B 25 2.95 -5.58 -5.08
N GLN B 26 1.72 -5.90 -4.72
CA GLN B 26 1.25 -5.85 -3.35
C GLN B 26 0.97 -7.25 -2.86
N PHE B 27 1.72 -7.72 -1.86
CA PHE B 27 1.36 -8.98 -1.20
C PHE B 27 0.46 -8.71 -0.01
N HIS B 28 -0.31 -9.73 0.36
CA HIS B 28 -1.18 -9.70 1.54
C HIS B 28 -1.02 -10.99 2.33
N TRP B 29 -1.08 -10.89 3.65
CA TRP B 29 -1.25 -12.05 4.51
C TRP B 29 -2.58 -11.90 5.22
N LYS B 30 -3.33 -13.00 5.31
CA LYS B 30 -4.55 -13.08 6.12
C LYS B 30 -4.70 -14.47 6.76
N ASN B 31 -5.71 -14.62 7.60
CA ASN B 31 -6.01 -15.88 8.27
C ASN B 31 -7.18 -16.63 7.60
N SER B 32 -7.63 -17.72 8.22
CA SER B 32 -8.80 -18.46 7.77
C SER B 32 -10.04 -17.58 7.60
N ASN B 33 -10.30 -16.71 8.58
CA ASN B 33 -11.44 -15.79 8.52
C ASN B 33 -11.35 -14.66 7.47
N GLN B 34 -10.26 -14.60 6.71
CA GLN B 34 -10.02 -13.55 5.72
C GLN B 34 -9.82 -12.15 6.34
N ILE B 35 -9.37 -12.12 7.60
CA ILE B 35 -9.00 -10.85 8.25
C ILE B 35 -7.49 -10.64 8.06
N LYS B 36 -7.12 -9.43 7.67
CA LYS B 36 -5.74 -9.14 7.26
C LYS B 36 -4.84 -8.93 8.47
N ILE B 37 -3.65 -9.54 8.45
CA ILE B 37 -2.65 -9.26 9.48
C ILE B 37 -1.63 -8.25 8.96
N LEU B 38 -1.05 -8.48 7.77
CA LEU B 38 -0.17 -7.49 7.13
C LEU B 38 0.03 -7.65 5.62
N GLY B 39 0.54 -6.59 5.01
CA GLY B 39 0.91 -6.57 3.60
C GLY B 39 1.65 -5.27 3.27
N ASN B 40 2.06 -5.10 2.02
CA ASN B 40 2.83 -3.92 1.65
C ASN B 40 2.09 -3.00 0.70
N GLN B 41 2.47 -1.73 0.73
CA GLN B 41 2.05 -0.75 -0.24
C GLN B 41 3.29 0.09 -0.55
N GLY B 42 3.96 -0.26 -1.63
CA GLY B 42 5.28 0.27 -1.93
C GLY B 42 6.24 -0.34 -0.93
N SER B 43 7.06 0.51 -0.32
CA SER B 43 7.93 0.11 0.78
C SER B 43 7.30 0.26 2.16
N PHE B 44 6.08 0.80 2.25
CA PHE B 44 5.34 0.88 3.50
C PHE B 44 4.75 -0.48 3.86
N LEU B 45 4.60 -0.72 5.15
CA LEU B 45 3.93 -1.90 5.70
C LEU B 45 2.57 -1.49 6.22
N THR B 46 1.56 -2.28 5.87
CA THR B 46 0.18 -2.05 6.25
C THR B 46 -0.19 -3.20 7.17
N LYS B 47 -0.98 -2.91 8.20
CA LYS B 47 -1.32 -3.90 9.22
C LYS B 47 -2.80 -3.87 9.54
N GLY B 48 -3.50 -4.95 9.23
CA GLY B 48 -4.94 -5.04 9.47
C GLY B 48 -5.26 -5.19 10.93
N PRO B 49 -6.56 -5.22 11.28
CA PRO B 49 -6.99 -5.10 12.67
C PRO B 49 -6.93 -6.42 13.48
N SER B 50 -6.14 -7.38 13.02
CA SER B 50 -6.01 -8.70 13.66
C SER B 50 -5.45 -8.64 15.09
N LYS B 51 -5.58 -9.75 15.79
CA LYS B 51 -5.00 -9.89 17.14
C LYS B 51 -3.47 -9.87 17.08
N LEU B 52 -2.92 -10.52 16.05
CA LEU B 52 -1.46 -10.73 15.93
C LEU B 52 -0.62 -9.45 16.08
N ASN B 53 -1.03 -8.39 15.39
CA ASN B 53 -0.25 -7.14 15.31
C ASN B 53 0.38 -6.73 16.65
N ASP B 54 1.61 -6.22 16.52
CA ASP B 54 2.68 -6.26 17.54
C ASP B 54 3.59 -7.44 17.19
N ARG B 55 3.05 -8.65 17.30
CA ARG B 55 3.82 -9.87 17.04
C ARG B 55 4.10 -10.12 15.57
N ALA B 56 3.18 -9.69 14.70
CA ALA B 56 3.31 -9.88 13.26
C ALA B 56 4.29 -8.88 12.64
N ASP B 57 5.20 -9.36 11.80
CA ASP B 57 6.11 -8.50 11.04
C ASP B 57 6.69 -9.24 9.82
N SER B 58 7.43 -8.52 8.98
CA SER B 58 8.07 -9.05 7.78
C SER B 58 9.46 -8.45 7.60
N ARG B 59 10.41 -9.23 7.11
CA ARG B 59 11.69 -8.70 6.63
C ARG B 59 11.44 -7.88 5.36
N ARG B 60 11.46 -6.56 5.48
CA ARG B 60 11.17 -5.66 4.34
C ARG B 60 12.31 -5.61 3.34
N SER B 61 13.53 -5.80 3.85
CA SER B 61 14.74 -5.82 3.02
C SER B 61 14.71 -6.92 1.95
N LEU B 62 13.94 -7.98 2.19
CA LEU B 62 13.75 -9.08 1.21
C LEU B 62 12.62 -8.85 0.17
N TRP B 63 11.78 -7.85 0.36
CA TRP B 63 10.65 -7.58 -0.56
C TRP B 63 11.08 -7.34 -2.00
N ASP B 64 12.18 -6.60 -2.17
CA ASP B 64 12.72 -6.25 -3.50
C ASP B 64 13.04 -7.44 -4.40
N GLN B 65 13.31 -8.60 -3.80
CA GLN B 65 13.61 -9.83 -4.54
C GLN B 65 12.62 -10.96 -4.20
N GLY B 66 11.33 -10.65 -4.21
CA GLY B 66 10.27 -11.65 -4.25
C GLY B 66 9.80 -12.29 -2.95
N ASN B 67 10.61 -12.23 -1.90
CA ASN B 67 10.27 -12.88 -0.63
C ASN B 67 9.45 -11.96 0.28
N PHE B 68 8.29 -12.46 0.72
CA PHE B 68 7.32 -11.70 1.50
C PHE B 68 6.93 -12.49 2.75
N PRO B 69 7.89 -12.70 3.67
CA PRO B 69 7.61 -13.57 4.83
C PRO B 69 6.67 -12.93 5.83
N LEU B 70 5.93 -13.78 6.55
CA LEU B 70 5.16 -13.36 7.72
C LEU B 70 5.87 -13.92 8.96
N ILE B 71 6.36 -13.03 9.80
CA ILE B 71 7.03 -13.39 11.04
C ILE B 71 6.09 -13.08 12.21
N ILE B 72 5.80 -14.09 13.03
CA ILE B 72 5.12 -13.90 14.30
C ILE B 72 6.17 -14.18 15.35
N LYS B 73 6.27 -13.29 16.35
CA LYS B 73 7.21 -13.48 17.46
C LYS B 73 6.41 -13.72 18.72
N ASN B 74 7.00 -14.48 19.66
CA ASN B 74 6.37 -14.81 20.94
C ASN B 74 4.99 -15.45 20.70
N LEU B 75 5.01 -16.69 20.23
CA LEU B 75 3.78 -17.37 19.79
C LEU B 75 2.84 -17.66 20.96
N LYS B 76 1.56 -17.87 20.63
CA LYS B 76 0.52 -18.20 21.59
C LYS B 76 -0.36 -19.27 20.98
N ILE B 77 -0.87 -20.22 21.77
CA ILE B 77 -1.60 -21.38 21.21
C ILE B 77 -2.70 -21.00 20.19
N GLU B 78 -3.42 -19.92 20.48
CA GLU B 78 -4.51 -19.42 19.62
C GLU B 78 -4.03 -18.67 18.37
N ASP B 79 -2.72 -18.36 18.30
CA ASP B 79 -2.09 -17.89 17.05
C ASP B 79 -2.01 -19.00 16.00
N SER B 80 -2.32 -20.24 16.38
CA SER B 80 -2.50 -21.33 15.42
C SER B 80 -3.67 -21.04 14.47
N ASP B 81 -3.37 -21.09 13.17
CA ASP B 81 -4.38 -20.89 12.12
C ASP B 81 -3.80 -21.33 10.77
N THR B 82 -4.65 -21.42 9.75
CA THR B 82 -4.20 -21.51 8.37
C THR B 82 -4.10 -20.07 7.80
N TYR B 83 -2.87 -19.61 7.59
CA TYR B 83 -2.58 -18.26 7.07
C TYR B 83 -2.37 -18.32 5.56
N ILE B 84 -2.91 -17.34 4.83
CA ILE B 84 -2.83 -17.31 3.36
C ILE B 84 -2.06 -16.09 2.87
N CYS B 85 -1.01 -16.32 2.09
CA CYS B 85 -0.30 -15.25 1.37
C CYS B 85 -0.81 -15.14 -0.06
N GLU B 86 -1.38 -13.99 -0.42
CA GLU B 86 -1.83 -13.67 -1.79
C GLU B 86 -0.97 -12.57 -2.37
N VAL B 87 -0.57 -12.69 -3.64
CA VAL B 87 0.02 -11.54 -4.35
C VAL B 87 -1.03 -10.85 -5.23
N GLU B 88 -1.71 -11.61 -6.09
CA GLU B 88 -2.71 -11.04 -7.00
C GLU B 88 -3.86 -12.01 -7.17
N ASP B 89 -3.60 -13.14 -7.81
CA ASP B 89 -4.59 -14.22 -8.04
C ASP B 89 -4.12 -15.56 -7.49
N GLN B 90 -2.79 -15.77 -7.51
CA GLN B 90 -2.14 -16.87 -6.79
C GLN B 90 -2.26 -16.69 -5.29
N LYS B 91 -2.20 -17.79 -4.56
CA LYS B 91 -2.15 -17.75 -3.11
C LYS B 91 -1.61 -19.05 -2.50
N GLU B 92 -0.51 -18.91 -1.77
CA GLU B 92 0.03 -19.97 -0.92
C GLU B 92 -0.71 -19.95 0.42
N GLU B 93 -0.97 -21.13 0.97
CA GLU B 93 -1.42 -21.28 2.36
C GLU B 93 -0.31 -21.91 3.21
N VAL B 94 -0.37 -21.64 4.51
CA VAL B 94 0.53 -22.23 5.51
C VAL B 94 -0.28 -22.42 6.78
N GLN B 95 -0.41 -23.66 7.24
CA GLN B 95 -1.02 -23.91 8.54
C GLN B 95 0.03 -23.80 9.66
N LEU B 96 -0.30 -23.02 10.69
CA LEU B 96 0.51 -22.90 11.87
C LEU B 96 -0.21 -23.57 13.00
N LEU B 97 0.53 -24.37 13.76
CA LEU B 97 0.03 -25.02 14.96
C LEU B 97 1.09 -24.86 16.04
N VAL B 98 0.72 -24.21 17.14
CA VAL B 98 1.69 -23.95 18.21
C VAL B 98 1.25 -24.59 19.53
N PHE B 99 2.20 -25.28 20.16
CA PHE B 99 2.02 -25.89 21.49
C PHE B 99 3.32 -25.86 22.27
N GLY B 100 3.18 -25.79 23.60
CA GLY B 100 4.30 -25.84 24.55
C GLY B 100 4.05 -26.91 25.60
N LEU B 101 5.01 -27.05 26.52
CA LEU B 101 4.93 -28.05 27.60
C LEU B 101 5.10 -27.43 28.97
N THR B 102 4.03 -27.53 29.77
CA THR B 102 4.02 -27.18 31.17
C THR B 102 4.53 -28.36 32.00
N ALA B 103 4.99 -28.10 33.22
CA ALA B 103 5.40 -29.15 34.14
C ALA B 103 4.87 -28.85 35.55
N LEU B 115 6.24 -35.65 38.22
CA LEU B 115 5.90 -34.55 37.32
C LEU B 115 4.76 -34.90 36.37
N THR B 116 3.59 -34.29 36.58
CA THR B 116 2.51 -34.39 35.59
C THR B 116 2.74 -33.29 34.53
N LEU B 117 3.14 -33.71 33.33
CA LEU B 117 3.35 -32.79 32.19
C LEU B 117 2.04 -32.56 31.49
N THR B 118 1.77 -31.30 31.13
CA THR B 118 0.57 -30.95 30.39
C THR B 118 0.99 -30.32 29.06
N LEU B 119 0.18 -30.59 28.04
CA LEU B 119 0.41 -30.10 26.68
C LEU B 119 -0.83 -29.31 26.24
N GLU B 120 -0.75 -27.98 26.35
CA GLU B 120 -1.80 -27.11 25.83
C GLU B 120 -1.57 -26.92 24.34
N SER B 121 -2.62 -27.18 23.56
CA SER B 121 -2.58 -27.18 22.11
C SER B 121 -3.73 -26.28 21.60
N PRO B 122 -3.81 -26.09 20.26
CA PRO B 122 -5.02 -25.44 19.75
C PRO B 122 -6.24 -26.37 19.77
N PRO B 123 -7.44 -25.82 20.10
CA PRO B 123 -8.69 -26.56 19.91
C PRO B 123 -8.95 -26.97 18.44
N GLY B 124 -9.25 -28.25 18.23
CA GLY B 124 -9.30 -28.86 16.90
C GLY B 124 -8.25 -29.95 16.79
N SER B 125 -7.02 -29.62 17.20
CA SER B 125 -5.90 -30.57 17.27
C SER B 125 -5.96 -31.37 18.57
N SER B 126 -5.98 -32.69 18.44
CA SER B 126 -5.76 -33.58 19.58
C SER B 126 -4.40 -34.25 19.38
N PRO B 127 -3.34 -33.71 20.01
CA PRO B 127 -2.00 -34.25 19.85
C PRO B 127 -1.72 -35.37 20.84
N SER B 128 -0.48 -35.86 20.81
CA SER B 128 0.02 -36.83 21.78
C SER B 128 1.47 -36.48 22.05
N VAL B 129 1.82 -36.30 23.32
CA VAL B 129 3.21 -36.14 23.71
C VAL B 129 3.79 -37.52 24.00
N GLN B 130 5.07 -37.71 23.70
CA GLN B 130 5.81 -38.91 24.11
C GLN B 130 7.25 -38.59 24.53
N CYS B 131 7.59 -38.95 25.76
CA CYS B 131 8.88 -38.63 26.36
C CYS B 131 9.76 -39.87 26.53
N ARG B 132 11.04 -39.73 26.21
CA ARG B 132 12.02 -40.82 26.24
C ARG B 132 13.28 -40.30 26.94
N SER B 133 13.74 -41.03 27.96
CA SER B 133 14.93 -40.64 28.75
C SER B 133 16.23 -41.04 28.01
N PRO B 134 17.44 -40.73 28.57
CA PRO B 134 18.64 -41.05 27.74
C PRO B 134 18.90 -42.55 27.55
N ARG B 135 18.84 -43.34 28.62
CA ARG B 135 18.88 -44.81 28.52
C ARG B 135 17.52 -45.47 28.77
N GLY B 136 16.68 -44.86 29.61
CA GLY B 136 15.28 -45.29 29.76
C GLY B 136 14.44 -44.86 28.56
N LYS B 137 13.21 -45.39 28.46
CA LYS B 137 12.49 -45.47 27.19
C LYS B 137 11.08 -44.83 27.22
N ASN B 138 10.29 -45.05 26.18
CA ASN B 138 9.06 -44.30 25.89
C ASN B 138 7.98 -44.23 26.98
N ILE B 139 7.61 -43.01 27.36
CA ILE B 139 6.40 -42.73 28.13
C ILE B 139 5.48 -41.86 27.25
N GLN B 140 4.56 -42.52 26.55
CA GLN B 140 3.68 -41.88 25.57
C GLN B 140 2.27 -41.68 26.12
N GLY B 141 1.69 -40.52 25.84
CA GLY B 141 0.35 -40.18 26.33
C GLY B 141 -0.45 -39.29 25.38
N GLY B 142 -1.23 -38.38 25.95
CA GLY B 142 -2.09 -37.46 25.20
C GLY B 142 -1.72 -36.04 25.56
N LYS B 143 -2.67 -35.30 26.14
CA LYS B 143 -2.43 -33.93 26.60
C LYS B 143 -1.65 -33.96 27.91
N THR B 144 -2.24 -34.60 28.91
CA THR B 144 -1.61 -34.77 30.22
C THR B 144 -0.72 -36.00 30.20
N LEU B 145 0.22 -36.07 31.15
CA LEU B 145 1.22 -37.12 31.18
C LEU B 145 1.93 -37.14 32.52
N TRP B 158 14.06 -37.43 28.95
CA TRP B 158 15.13 -36.61 28.39
C TRP B 158 14.58 -35.67 27.32
N THR B 159 13.95 -36.26 26.31
CA THR B 159 13.44 -35.55 25.14
C THR B 159 11.95 -35.84 24.91
N CYS B 160 11.09 -34.83 25.08
CA CYS B 160 9.63 -34.96 24.84
C CYS B 160 9.27 -34.47 23.43
N THR B 161 8.69 -35.36 22.63
CA THR B 161 8.27 -35.06 21.26
C THR B 161 6.74 -35.12 21.18
N VAL B 162 6.14 -34.06 20.64
CA VAL B 162 4.69 -34.02 20.35
C VAL B 162 4.49 -34.25 18.85
N LEU B 163 3.44 -34.99 18.50
CA LEU B 163 3.23 -35.50 17.14
C LEU B 163 2.01 -34.85 16.51
N GLN B 164 2.20 -34.19 15.35
CA GLN B 164 1.09 -33.77 14.50
C GLN B 164 1.54 -33.58 13.05
N ASN B 165 0.74 -34.10 12.12
CA ASN B 165 1.11 -34.22 10.71
C ASN B 165 2.41 -35.05 10.58
N GLN B 166 3.41 -34.58 9.83
CA GLN B 166 4.61 -35.37 9.50
C GLN B 166 5.60 -35.33 10.64
N LYS B 167 5.94 -34.11 11.04
CA LYS B 167 7.01 -33.85 12.02
C LYS B 167 6.41 -33.54 13.39
N LYS B 168 7.28 -33.57 14.39
CA LYS B 168 6.99 -33.06 15.72
C LYS B 168 7.92 -31.93 16.09
N VAL B 169 7.95 -31.62 17.39
CA VAL B 169 8.85 -30.60 17.95
C VAL B 169 9.37 -31.07 19.33
N GLU B 170 10.69 -31.14 19.49
CA GLU B 170 11.32 -31.67 20.71
C GLU B 170 11.34 -30.65 21.85
N PHE B 171 11.59 -31.12 23.07
CA PHE B 171 11.53 -30.29 24.29
C PHE B 171 12.73 -30.58 25.26
N LYS B 172 12.47 -30.76 26.57
CA LYS B 172 13.52 -30.70 27.60
C LYS B 172 13.08 -31.31 28.95
N ILE B 173 14.05 -31.75 29.76
CA ILE B 173 13.79 -32.19 31.14
C ILE B 173 15.02 -31.96 32.04
N ASP B 174 14.77 -31.84 33.34
CA ASP B 174 15.81 -31.69 34.35
C ASP B 174 15.59 -32.66 35.52
N ILE B 175 16.70 -33.11 36.13
CA ILE B 175 16.69 -33.85 37.41
C ILE B 175 17.51 -33.06 38.43
#